data_5FM0
#
_entry.id   5FM0
#
_cell.length_a   50.610
_cell.length_b   78.360
_cell.length_c   166.700
_cell.angle_alpha   90.00
_cell.angle_beta   90.00
_cell.angle_gamma   90.00
#
_symmetry.space_group_name_H-M   'P 21 21 21'
#
loop_
_entity.id
_entity.type
_entity.pdbx_description
1 polymer '6-CARBOXYHEXANOATE--COA LIGASE'
2 non-polymer PIMELOYL-AMP
3 non-polymer PYROPHOSPHATE
4 non-polymer 'MAGNESIUM ION'
5 non-polymer 'PLATINUM (II) ION'
6 water water
#
_entity_poly.entity_id   1
_entity_poly.type   'polypeptide(L)'
_entity_poly.pdbx_seq_one_letter_code
;GAMEEETFYSVRMRASMNGSHEDGGKHISGGERLIPFHEMKHTVNALLEKGLSHSRGKPDFMQIQFEEVHESIKTIQPLP
VHTNEVSCPEEGQKLARLLLEKEGVSRDVIEKAYEQIPEWSDVRGAVLFDIHTGKRMDQTKEKGVRVSRMDWPDANFEKW
ALHSHVPAHSRIKEALALASKVSRHPAVVAELCWSDDPDYITGYVAGKKMGYQRITAMKEYGTEEGCRVFFIDGSNDVNT
YIHDLEKQPILIEWEEDHDS
;
_entity_poly.pdbx_strand_id   A,B
#
loop_
_chem_comp.id
_chem_comp.type
_chem_comp.name
_chem_comp.formula
MG non-polymer 'MAGNESIUM ION' 'Mg 2'
PPV non-polymer PYROPHOSPHATE 'H4 O7 P2'
PT non-polymer 'PLATINUM (II) ION' 'Pt 2'
WAQ non-polymer PIMELOYL-AMP 'C17 H24 N5 O10 P'
#
# COMPACT_ATOMS: atom_id res chain seq x y z
N THR A 7 20.74 3.50 -6.99
CA THR A 7 19.45 3.17 -7.67
C THR A 7 18.29 3.94 -7.04
N PHE A 8 17.33 4.29 -7.88
CA PHE A 8 16.20 5.09 -7.44
C PHE A 8 14.92 4.29 -7.23
N TYR A 9 14.02 4.88 -6.44
CA TYR A 9 12.78 4.25 -6.05
C TYR A 9 11.59 5.15 -6.30
N SER A 10 10.57 4.58 -6.92
CA SER A 10 9.28 5.20 -7.06
C SER A 10 8.50 4.96 -5.76
N VAL A 11 7.99 6.03 -5.17
CA VAL A 11 7.15 5.93 -3.98
C VAL A 11 5.83 6.62 -4.25
N ARG A 12 4.73 5.90 -4.05
CA ARG A 12 3.40 6.39 -4.40
C ARG A 12 2.43 6.24 -3.24
N MET A 13 1.44 7.12 -3.20
CA MET A 13 0.44 7.11 -2.15
C MET A 13 -0.91 7.45 -2.76
N ARG A 14 -1.96 6.79 -2.26
CA ARG A 14 -3.33 7.26 -2.50
C ARG A 14 -4.19 7.08 -1.25
N ALA A 15 -5.16 7.96 -1.09
CA ALA A 15 -6.02 7.96 0.06
C ALA A 15 -7.45 8.30 -0.37
N SER A 16 -8.43 7.68 0.26
CA SER A 16 -9.81 7.97 -0.03
C SER A 16 -10.67 7.97 1.26
N MET A 17 -11.90 8.45 1.14
CA MET A 17 -12.85 8.51 2.25
C MET A 17 -14.10 7.74 1.81
N ASN A 18 -14.72 7.03 2.75
CA ASN A 18 -15.80 6.07 2.44
C ASN A 18 -15.30 4.89 1.60
N GLY A 19 -14.37 4.12 2.17
CA GLY A 19 -13.74 2.99 1.48
C GLY A 19 -12.56 3.40 0.60
N SER A 20 -12.13 2.49 -0.28
CA SER A 20 -11.09 2.79 -1.28
C SER A 20 -11.70 3.22 -2.62
N HIS A 21 -10.85 3.35 -3.65
CA HIS A 21 -11.30 3.84 -4.95
C HIS A 21 -11.94 2.72 -5.80
N GLY A 25 -16.20 5.50 -3.27
CA GLY A 25 -15.29 6.17 -2.34
C GLY A 25 -14.81 7.47 -2.95
N LYS A 26 -14.70 8.51 -2.12
CA LYS A 26 -14.24 9.82 -2.55
C LYS A 26 -12.72 9.97 -2.42
N HIS A 27 -12.06 10.23 -3.55
CA HIS A 27 -10.62 10.48 -3.59
C HIS A 27 -10.25 11.69 -2.72
N ILE A 28 -9.27 11.48 -1.85
CA ILE A 28 -8.83 12.53 -0.95
C ILE A 28 -7.49 13.09 -1.42
N SER A 29 -6.53 12.20 -1.65
CA SER A 29 -5.16 12.61 -1.93
C SER A 29 -4.38 11.54 -2.69
N GLY A 30 -3.29 11.98 -3.29
CA GLY A 30 -2.42 11.12 -4.06
C GLY A 30 -1.07 11.80 -4.12
N GLY A 31 -0.01 11.02 -4.21
CA GLY A 31 1.33 11.58 -4.28
C GLY A 31 2.28 10.60 -4.94
N GLU A 32 3.31 11.15 -5.55
CA GLU A 32 4.28 10.34 -6.26
C GLU A 32 5.63 10.98 -6.07
N ARG A 33 6.62 10.17 -5.80
CA ARG A 33 7.95 10.66 -5.53
C ARG A 33 8.90 9.73 -6.22
N LEU A 34 10.12 10.20 -6.38
CA LEU A 34 11.17 9.42 -7.02
C LEU A 34 12.45 9.80 -6.32
N ILE A 35 13.05 8.83 -5.62
CA ILE A 35 14.07 9.11 -4.63
C ILE A 35 15.12 8.01 -4.53
N PRO A 36 16.30 8.37 -4.00
CA PRO A 36 17.28 7.38 -3.62
C PRO A 36 16.82 6.66 -2.37
N PHE A 37 17.28 5.44 -2.18
CA PHE A 37 16.80 4.58 -1.13
C PHE A 37 16.90 5.17 0.27
N HIS A 38 17.99 5.90 0.53
CA HIS A 38 18.23 6.39 1.88
C HIS A 38 17.27 7.50 2.31
N GLU A 39 16.40 7.97 1.41
CA GLU A 39 15.37 8.96 1.77
C GLU A 39 14.00 8.30 1.95
N MET A 40 13.99 6.97 2.04
CA MET A 40 12.76 6.21 2.14
C MET A 40 11.92 6.58 3.38
N LYS A 41 12.53 6.60 4.57
CA LYS A 41 11.76 6.91 5.78
C LYS A 41 11.15 8.30 5.73
N HIS A 42 11.94 9.27 5.32
CA HIS A 42 11.46 10.64 5.31
C HIS A 42 10.27 10.80 4.32
N THR A 43 10.40 10.10 3.20
CA THR A 43 9.47 10.23 2.10
C THR A 43 8.17 9.48 2.38
N VAL A 44 8.28 8.31 2.99
CA VAL A 44 7.08 7.57 3.40
C VAL A 44 6.32 8.38 4.42
N ASN A 45 7.04 8.97 5.35
CA ASN A 45 6.42 9.86 6.33
C ASN A 45 5.81 11.12 5.73
N ALA A 46 6.47 11.69 4.73
CA ALA A 46 5.93 12.91 4.11
C ALA A 46 4.61 12.57 3.43
N LEU A 47 4.60 11.46 2.71
CA LEU A 47 3.40 11.09 2.00
C LEU A 47 2.28 10.73 2.95
N LEU A 48 2.65 10.07 4.04
CA LEU A 48 1.68 9.74 5.07
C LEU A 48 1.03 11.03 5.59
N GLU A 49 1.87 11.97 5.99
CA GLU A 49 1.39 13.21 6.57
C GLU A 49 0.49 13.94 5.59
N LYS A 50 0.88 13.93 4.33
CA LYS A 50 0.17 14.70 3.30
C LYS A 50 -1.25 14.15 3.11
N GLY A 51 -1.39 12.82 3.18
CA GLY A 51 -2.71 12.18 3.09
C GLY A 51 -3.59 12.40 4.31
N LEU A 52 -2.97 12.45 5.49
CA LEU A 52 -3.71 12.56 6.75
C LEU A 52 -4.29 13.96 6.97
N SER A 53 -3.59 14.99 6.54
CA SER A 53 -4.02 16.34 6.83
C SER A 53 -4.49 17.06 5.57
N HIS A 54 -5.33 16.41 4.79
CA HIS A 54 -5.78 17.03 3.55
C HIS A 54 -7.11 17.76 3.75
N SER A 55 -7.26 18.89 3.07
CA SER A 55 -8.45 19.73 3.20
C SER A 55 -9.73 19.06 2.68
N ARG A 56 -9.60 17.97 1.92
CA ARG A 56 -10.78 17.30 1.36
C ARG A 56 -11.39 16.28 2.35
N GLY A 57 -10.73 16.09 3.48
CA GLY A 57 -11.23 15.21 4.51
C GLY A 57 -10.15 14.31 5.05
N LYS A 58 -10.49 13.59 6.11
CA LYS A 58 -9.63 12.58 6.68
C LYS A 58 -9.98 11.23 6.03
N PRO A 59 -8.95 10.48 5.61
CA PRO A 59 -9.19 9.26 4.88
C PRO A 59 -9.44 8.06 5.78
N ASP A 60 -10.22 7.13 5.29
CA ASP A 60 -10.36 5.86 5.95
C ASP A 60 -9.71 4.72 5.14
N PHE A 61 -8.98 5.09 4.08
CA PHE A 61 -8.20 4.16 3.30
C PHE A 61 -6.93 4.86 2.79
N MET A 62 -5.81 4.16 2.86
CA MET A 62 -4.59 4.67 2.30
C MET A 62 -3.64 3.55 1.88
N GLN A 63 -2.96 3.76 0.76
CA GLN A 63 -1.92 2.86 0.26
C GLN A 63 -0.68 3.66 0.03
N ILE A 64 0.42 3.17 0.57
CA ILE A 64 1.69 3.68 0.25
C ILE A 64 2.53 2.53 -0.25
N GLN A 65 3.28 2.79 -1.30
CA GLN A 65 3.99 1.73 -1.96
C GLN A 65 5.32 2.23 -2.56
N PHE A 66 6.33 1.38 -2.58
CA PHE A 66 7.54 1.71 -3.28
C PHE A 66 8.08 0.56 -4.11
N GLU A 67 8.88 0.90 -5.10
CA GLU A 67 9.50 -0.09 -5.99
C GLU A 67 10.71 0.49 -6.67
N GLU A 68 11.69 -0.36 -6.92
CA GLU A 68 12.89 0.06 -7.57
C GLU A 68 12.57 0.40 -9.02
N VAL A 69 13.11 1.51 -9.47
CA VAL A 69 13.06 1.85 -10.88
C VAL A 69 14.29 1.32 -11.63
N HIS A 70 14.07 0.57 -12.69
CA HIS A 70 15.18 0.03 -13.49
C HIS A 70 15.51 0.89 -14.71
N GLU A 71 14.49 1.48 -15.33
CA GLU A 71 14.68 2.42 -16.42
C GLU A 71 15.61 3.55 -15.97
N SER A 72 16.41 4.07 -16.88
CA SER A 72 17.33 5.15 -16.52
C SER A 72 16.59 6.47 -16.43
N ILE A 73 17.12 7.35 -15.61
CA ILE A 73 16.43 8.57 -15.21
C ILE A 73 16.81 9.76 -16.07
N LYS A 74 15.84 10.35 -16.74
CA LYS A 74 16.08 11.57 -17.48
C LYS A 74 15.89 12.81 -16.58
N THR A 75 16.79 13.76 -16.71
CA THR A 75 16.74 14.99 -15.95
C THR A 75 16.46 16.09 -16.94
N ILE A 76 15.55 16.99 -16.60
CA ILE A 76 15.13 18.06 -17.51
C ILE A 76 14.94 19.34 -16.74
N GLN A 77 14.89 20.44 -17.47
CA GLN A 77 14.50 21.73 -16.93
C GLN A 77 12.99 21.78 -16.79
N PRO A 78 12.52 22.58 -15.85
CA PRO A 78 11.11 22.85 -15.76
C PRO A 78 10.64 23.74 -16.89
N LEU A 79 9.35 23.70 -17.22
CA LEU A 79 8.77 24.61 -18.19
C LEU A 79 8.98 26.04 -17.75
N PRO A 80 9.20 26.94 -18.72
CA PRO A 80 9.12 28.37 -18.40
C PRO A 80 7.76 28.69 -17.77
N VAL A 81 7.74 29.59 -16.79
CA VAL A 81 6.53 29.95 -16.09
C VAL A 81 6.09 31.41 -16.31
N HIS A 82 4.79 31.61 -16.50
CA HIS A 82 4.20 32.95 -16.56
C HIS A 82 2.88 32.96 -15.80
N THR A 83 2.67 33.98 -14.98
CA THR A 83 1.49 34.08 -14.14
C THR A 83 0.48 35.08 -14.70
N ASN A 84 -0.72 34.61 -15.02
CA ASN A 84 -1.81 35.43 -15.53
C ASN A 84 -2.80 35.82 -14.45
N GLU A 85 -2.73 37.06 -13.98
CA GLU A 85 -3.70 37.57 -13.01
C GLU A 85 -5.06 37.76 -13.67
N VAL A 86 -6.11 37.22 -13.04
CA VAL A 86 -7.48 37.44 -13.51
C VAL A 86 -8.33 37.78 -12.29
N SER A 87 -9.52 38.31 -12.53
CA SER A 87 -10.35 38.81 -11.45
C SER A 87 -11.43 37.79 -11.03
N CYS A 88 -11.72 36.82 -11.89
CA CYS A 88 -12.73 35.83 -11.54
C CYS A 88 -12.55 34.53 -12.36
N PRO A 89 -13.18 33.45 -11.89
CA PRO A 89 -13.15 32.14 -12.54
C PRO A 89 -13.59 32.16 -13.99
N GLU A 90 -14.69 32.83 -14.29
CA GLU A 90 -15.21 32.80 -15.65
C GLU A 90 -14.20 33.43 -16.62
N GLU A 91 -13.41 34.38 -16.11
CA GLU A 91 -12.35 35.01 -16.87
C GLU A 91 -11.15 34.11 -17.07
N GLY A 92 -10.71 33.44 -16.00
CA GLY A 92 -9.60 32.48 -16.08
C GLY A 92 -9.91 31.36 -17.06
N GLN A 93 -11.12 30.82 -17.01
CA GLN A 93 -11.54 29.76 -17.91
C GLN A 93 -11.49 30.24 -19.34
N LYS A 94 -11.92 31.48 -19.56
CA LYS A 94 -11.89 32.05 -20.91
C LYS A 94 -10.44 32.21 -21.40
N LEU A 95 -9.58 32.74 -20.55
CA LEU A 95 -8.17 32.81 -20.87
C LEU A 95 -7.57 31.42 -21.17
N ALA A 96 -7.95 30.43 -20.37
CA ALA A 96 -7.46 29.07 -20.55
C ALA A 96 -7.85 28.51 -21.91
N ARG A 97 -9.10 28.73 -22.32
CA ARG A 97 -9.55 28.27 -23.64
C ARG A 97 -8.72 28.93 -24.74
N LEU A 98 -8.35 30.19 -24.53
CA LEU A 98 -7.59 30.94 -25.51
C LEU A 98 -6.18 30.36 -25.58
N LEU A 99 -5.59 30.11 -24.40
CA LEU A 99 -4.23 29.56 -24.37
C LEU A 99 -4.17 28.17 -25.01
N LEU A 100 -5.19 27.35 -24.79
CA LEU A 100 -5.23 26.04 -25.43
C LEU A 100 -5.28 26.15 -26.95
N GLU A 101 -6.01 27.14 -27.45
CA GLU A 101 -6.09 27.32 -28.90
C GLU A 101 -4.72 27.76 -29.43
N LYS A 102 -4.11 28.74 -28.77
CA LYS A 102 -2.80 29.21 -29.18
C LYS A 102 -1.74 28.12 -29.12
N GLU A 103 -2.01 27.08 -28.36
CA GLU A 103 -1.05 26.00 -28.27
C GLU A 103 -1.33 24.93 -29.31
N GLY A 104 -2.48 25.01 -29.99
CA GLY A 104 -2.76 24.14 -31.15
C GLY A 104 -4.00 23.28 -31.08
N VAL A 105 -4.77 23.42 -30.02
CA VAL A 105 -6.01 22.68 -29.95
C VAL A 105 -7.12 23.45 -30.68
N SER A 106 -7.83 22.77 -31.55
CA SER A 106 -8.93 23.39 -32.28
C SER A 106 -10.04 23.78 -31.30
N ARG A 107 -10.72 24.87 -31.62
CA ARG A 107 -11.79 25.34 -30.77
C ARG A 107 -12.84 24.25 -30.54
N ASP A 108 -13.14 23.48 -31.59
CA ASP A 108 -14.20 22.49 -31.49
C ASP A 108 -13.81 21.39 -30.50
N VAL A 109 -12.54 21.03 -30.49
CA VAL A 109 -12.05 20.01 -29.55
C VAL A 109 -12.08 20.53 -28.10
N ILE A 110 -11.76 21.80 -27.93
CA ILE A 110 -11.79 22.42 -26.64
C ILE A 110 -13.21 22.40 -26.09
N GLU A 111 -14.17 22.83 -26.91
CA GLU A 111 -15.57 22.91 -26.49
C GLU A 111 -16.07 21.54 -26.11
N LYS A 112 -15.70 20.54 -26.90
CA LYS A 112 -16.18 19.19 -26.63
C LYS A 112 -15.66 18.69 -25.29
N ALA A 113 -14.42 19.07 -24.97
CA ALA A 113 -13.82 18.66 -23.72
C ALA A 113 -14.50 19.35 -22.55
N TYR A 114 -14.76 20.65 -22.69
CA TYR A 114 -15.44 21.39 -21.61
C TYR A 114 -16.84 20.84 -21.28
N GLU A 115 -17.51 20.25 -22.26
CA GLU A 115 -18.79 19.58 -22.01
C GLU A 115 -18.65 18.35 -21.12
N GLN A 116 -17.49 17.71 -21.15
CA GLN A 116 -17.29 16.48 -20.39
C GLN A 116 -16.64 16.72 -19.04
N ILE A 117 -15.99 17.86 -18.90
CA ILE A 117 -15.16 18.10 -17.73
C ILE A 117 -15.92 17.87 -16.42
N PRO A 118 -17.17 18.32 -16.35
CA PRO A 118 -17.99 18.15 -15.15
C PRO A 118 -18.17 16.71 -14.71
N GLU A 119 -18.43 15.80 -15.64
CA GLU A 119 -18.50 14.39 -15.26
C GLU A 119 -17.11 13.76 -14.95
N TRP A 120 -16.02 14.44 -15.32
CA TRP A 120 -14.69 13.89 -15.07
C TRP A 120 -14.15 14.32 -13.71
N SER A 121 -14.95 15.03 -12.91
CA SER A 121 -14.51 15.52 -11.59
C SER A 121 -14.11 14.39 -10.65
N ASP A 122 -14.70 13.22 -10.87
CA ASP A 122 -14.42 12.08 -10.00
C ASP A 122 -13.16 11.30 -10.43
N VAL A 123 -12.58 11.64 -11.58
CA VAL A 123 -11.43 10.93 -12.06
C VAL A 123 -10.24 11.16 -11.12
N ARG A 124 -9.65 10.08 -10.63
CA ARG A 124 -8.58 10.17 -9.64
C ARG A 124 -7.23 10.59 -10.26
N GLY A 125 -7.09 10.36 -11.56
CA GLY A 125 -5.90 10.73 -12.30
C GLY A 125 -6.25 11.74 -13.35
N ALA A 126 -5.66 11.59 -14.53
CA ALA A 126 -5.90 12.52 -15.62
C ALA A 126 -6.72 11.88 -16.71
N VAL A 127 -7.39 12.73 -17.48
CA VAL A 127 -8.11 12.30 -18.65
C VAL A 127 -7.29 12.60 -19.90
N LEU A 128 -7.28 11.69 -20.85
CA LEU A 128 -6.62 11.91 -22.14
C LEU A 128 -7.69 12.16 -23.20
N PHE A 129 -7.57 13.27 -23.90
CA PHE A 129 -8.53 13.65 -24.90
C PHE A 129 -7.85 13.70 -26.24
N ASP A 130 -8.36 12.95 -27.19
CA ASP A 130 -7.78 12.85 -28.53
C ASP A 130 -8.22 13.97 -29.44
N ILE A 131 -7.29 14.75 -29.97
CA ILE A 131 -7.69 15.82 -30.90
C ILE A 131 -8.20 15.28 -32.27
N HIS A 132 -7.91 14.01 -32.57
CA HIS A 132 -8.35 13.36 -33.81
C HIS A 132 -9.80 12.87 -33.78
N THR A 133 -10.28 12.47 -32.60
CA THR A 133 -11.64 11.99 -32.46
C THR A 133 -12.56 12.96 -31.72
N GLY A 134 -12.01 14.05 -31.19
CA GLY A 134 -12.78 14.94 -30.32
C GLY A 134 -13.41 14.21 -29.14
N LYS A 135 -12.75 13.15 -28.68
CA LYS A 135 -13.28 12.29 -27.62
C LYS A 135 -12.20 11.79 -26.66
N ARG A 136 -12.63 11.31 -25.51
CA ARG A 136 -11.72 10.75 -24.55
C ARG A 136 -11.04 9.54 -25.16
N MET A 137 -9.77 9.37 -24.82
CA MET A 137 -8.93 8.41 -25.50
C MET A 137 -8.66 7.20 -24.60
N ASP A 138 -8.53 7.43 -23.30
CA ASP A 138 -8.22 6.36 -22.36
C ASP A 138 -9.48 5.63 -21.91
N GLN A 139 -9.31 4.43 -21.38
CA GLN A 139 -10.43 3.57 -21.02
C GLN A 139 -10.36 3.30 -19.53
N THR A 140 -9.77 4.22 -18.77
CA THR A 140 -9.57 4.00 -17.35
C THR A 140 -10.73 4.52 -16.53
N LYS A 141 -11.67 5.17 -17.19
CA LYS A 141 -12.86 5.65 -16.52
C LYS A 141 -12.52 6.47 -15.26
N GLU A 142 -12.99 6.04 -14.09
CA GLU A 142 -12.85 6.82 -12.86
C GLU A 142 -11.46 6.76 -12.27
N LYS A 143 -10.69 5.80 -12.70
CA LYS A 143 -9.31 5.69 -12.25
C LYS A 143 -8.49 6.83 -12.89
N GLY A 144 -8.65 7.03 -14.20
CA GLY A 144 -7.82 7.97 -14.93
C GLY A 144 -6.40 7.45 -15.10
N VAL A 145 -5.58 8.24 -15.72
CA VAL A 145 -4.19 7.91 -15.94
C VAL A 145 -3.37 8.64 -14.91
N ARG A 146 -2.63 7.91 -14.08
CA ARG A 146 -1.83 8.53 -13.04
C ARG A 146 -0.39 8.65 -13.52
N VAL A 147 0.07 9.88 -13.67
CA VAL A 147 1.46 10.12 -14.03
C VAL A 147 2.34 9.93 -12.82
N SER A 148 3.45 9.22 -12.97
CA SER A 148 4.32 9.08 -11.82
C SER A 148 5.82 8.93 -12.16
N ARG A 149 6.62 8.63 -11.15
CA ARG A 149 8.04 8.58 -11.31
C ARG A 149 8.62 9.91 -11.81
N MET A 150 8.11 11.02 -11.26
CA MET A 150 8.75 12.29 -11.43
C MET A 150 8.93 12.95 -10.08
N ASP A 151 9.97 13.75 -9.94
CA ASP A 151 10.22 14.46 -8.70
C ASP A 151 11.20 15.63 -8.93
N TRP A 152 11.25 16.51 -7.95
CA TRP A 152 12.02 17.74 -8.05
C TRP A 152 12.67 17.92 -6.71
N PRO A 153 13.95 17.58 -6.60
CA PRO A 153 14.65 17.77 -5.31
C PRO A 153 14.41 19.19 -4.75
N ASP A 154 14.07 19.26 -3.47
CA ASP A 154 13.61 20.50 -2.85
C ASP A 154 14.60 21.66 -2.94
N ALA A 155 15.88 21.40 -2.71
CA ALA A 155 16.88 22.45 -2.74
C ALA A 155 16.84 23.17 -4.08
N ASN A 156 16.96 22.41 -5.16
CA ASN A 156 16.87 22.99 -6.48
C ASN A 156 15.55 23.75 -6.70
N PHE A 157 14.44 23.19 -6.22
CA PHE A 157 13.15 23.83 -6.42
C PHE A 157 13.12 25.18 -5.71
N GLU A 158 13.62 25.21 -4.47
CA GLU A 158 13.61 26.46 -3.71
C GLU A 158 14.36 27.57 -4.41
N LYS A 159 15.53 27.27 -4.96
CA LYS A 159 16.27 28.23 -5.78
C LYS A 159 15.42 28.71 -6.93
N TRP A 160 14.80 27.78 -7.65
CA TRP A 160 14.01 28.14 -8.81
C TRP A 160 12.90 29.08 -8.42
N ALA A 161 12.30 28.84 -7.26
CA ALA A 161 11.19 29.67 -6.76
C ALA A 161 11.68 31.08 -6.44
N LEU A 162 12.75 31.14 -5.66
CA LEU A 162 13.39 32.39 -5.36
C LEU A 162 13.58 33.20 -6.64
N HIS A 163 14.34 32.65 -7.59
CA HIS A 163 14.63 33.35 -8.84
C HIS A 163 13.39 33.71 -9.67
N SER A 164 12.37 32.86 -9.66
CA SER A 164 11.15 33.12 -10.45
C SER A 164 10.11 33.99 -9.73
N HIS A 165 10.44 34.44 -8.53
CA HIS A 165 9.48 35.20 -7.70
C HIS A 165 8.15 34.47 -7.66
N VAL A 166 8.19 33.20 -7.27
CA VAL A 166 6.97 32.41 -7.04
C VAL A 166 7.10 31.82 -5.65
N PRO A 167 5.98 31.66 -4.93
CA PRO A 167 6.07 31.04 -3.60
C PRO A 167 6.59 29.59 -3.68
N ALA A 168 7.47 29.22 -2.75
CA ALA A 168 8.03 27.87 -2.72
C ALA A 168 7.05 26.86 -2.08
N HIS A 169 5.84 26.79 -2.61
CA HIS A 169 4.86 25.83 -2.12
C HIS A 169 5.07 24.50 -2.85
N SER A 170 5.03 23.41 -2.10
CA SER A 170 5.29 22.11 -2.70
C SER A 170 4.18 21.75 -3.70
N ARG A 171 3.01 22.36 -3.53
CA ARG A 171 1.91 22.14 -4.46
C ARG A 171 2.30 22.62 -5.87
N ILE A 172 3.13 23.65 -5.93
CA ILE A 172 3.62 24.19 -7.20
C ILE A 172 4.76 23.32 -7.70
N LYS A 173 5.61 22.88 -6.79
CA LYS A 173 6.67 22.00 -7.17
C LYS A 173 6.10 20.75 -7.84
N GLU A 174 5.06 20.17 -7.23
CA GLU A 174 4.48 18.95 -7.75
C GLU A 174 3.80 19.18 -9.06
N ALA A 175 3.04 20.26 -9.18
CA ALA A 175 2.29 20.53 -10.41
C ALA A 175 3.22 20.78 -11.59
N LEU A 176 4.28 21.54 -11.35
CA LEU A 176 5.21 21.89 -12.40
C LEU A 176 6.12 20.73 -12.80
N ALA A 177 6.53 19.93 -11.82
CA ALA A 177 7.23 18.67 -12.14
C ALA A 177 6.36 17.81 -13.07
N LEU A 178 5.10 17.63 -12.72
CA LEU A 178 4.16 16.84 -13.53
C LEU A 178 3.99 17.46 -14.91
N ALA A 179 3.75 18.76 -14.94
CA ALA A 179 3.47 19.45 -16.19
C ALA A 179 4.67 19.43 -17.10
N SER A 180 5.87 19.45 -16.52
CA SER A 180 7.09 19.42 -17.34
C SER A 180 7.32 18.04 -17.90
N LYS A 181 7.08 17.01 -17.10
CA LYS A 181 7.20 15.65 -17.62
C LYS A 181 6.22 15.42 -18.74
N VAL A 182 4.99 15.83 -18.52
CA VAL A 182 3.91 15.54 -19.46
C VAL A 182 4.08 16.28 -20.79
N SER A 183 4.38 17.56 -20.72
CA SER A 183 4.61 18.38 -21.91
C SER A 183 5.80 17.91 -22.77
N ARG A 184 6.77 17.23 -22.16
CA ARG A 184 7.89 16.64 -22.90
C ARG A 184 7.41 15.54 -23.83
N HIS A 185 6.35 14.86 -23.45
CA HIS A 185 5.94 13.73 -24.27
C HIS A 185 5.50 14.25 -25.64
N PRO A 186 6.06 13.67 -26.72
CA PRO A 186 5.84 14.28 -28.03
C PRO A 186 4.37 14.24 -28.48
N ALA A 187 3.58 13.34 -27.91
CA ALA A 187 2.17 13.25 -28.31
C ALA A 187 1.25 14.19 -27.54
N VAL A 188 1.79 14.98 -26.62
CA VAL A 188 0.95 15.86 -25.82
C VAL A 188 1.02 17.31 -26.24
N VAL A 189 -0.07 17.80 -26.78
CA VAL A 189 -0.16 19.18 -27.24
C VAL A 189 -0.40 20.14 -26.09
N ALA A 190 -1.16 19.72 -25.08
CA ALA A 190 -1.55 20.64 -24.01
C ALA A 190 -2.15 19.94 -22.81
N GLU A 191 -2.02 20.60 -21.67
CA GLU A 191 -2.60 20.15 -20.47
C GLU A 191 -3.45 21.25 -19.86
N LEU A 192 -4.61 20.89 -19.37
CA LEU A 192 -5.48 21.84 -18.64
C LEU A 192 -5.69 21.30 -17.22
N CYS A 193 -5.35 22.10 -16.25
CA CYS A 193 -5.46 21.67 -14.88
C CYS A 193 -6.02 22.74 -13.95
N TRP A 194 -6.91 22.32 -13.05
CA TRP A 194 -7.05 23.03 -11.79
C TRP A 194 -7.31 22.05 -10.63
N SER A 195 -7.17 22.54 -9.41
CA SER A 195 -7.16 21.71 -8.23
C SER A 195 -8.53 21.23 -7.83
N ASP A 196 -8.57 20.08 -7.17
CA ASP A 196 -9.82 19.58 -6.63
C ASP A 196 -9.96 19.98 -5.15
N ASP A 197 -8.95 20.69 -4.63
CA ASP A 197 -8.95 21.22 -3.28
C ASP A 197 -9.76 22.53 -3.19
N PRO A 198 -10.75 22.57 -2.28
CA PRO A 198 -11.63 23.74 -2.09
C PRO A 198 -10.91 25.04 -1.71
N ASP A 199 -9.69 24.89 -1.18
CA ASP A 199 -8.91 26.01 -0.67
C ASP A 199 -7.92 26.61 -1.69
N TYR A 200 -7.88 26.07 -2.90
CA TYR A 200 -6.88 26.53 -3.87
C TYR A 200 -7.47 26.70 -5.25
N ILE A 201 -7.47 27.94 -5.74
CA ILE A 201 -8.24 28.26 -6.95
C ILE A 201 -7.39 28.54 -8.17
N THR A 202 -6.08 28.62 -7.98
CA THR A 202 -5.19 28.81 -9.10
C THR A 202 -5.05 27.50 -9.90
N GLY A 203 -5.08 27.61 -11.22
CA GLY A 203 -4.88 26.48 -12.12
C GLY A 203 -3.84 26.84 -13.17
N TYR A 204 -3.78 26.07 -14.24
CA TYR A 204 -2.85 26.38 -15.34
C TYR A 204 -3.21 25.72 -16.61
N VAL A 205 -2.65 26.27 -17.68
CA VAL A 205 -2.58 25.58 -18.94
C VAL A 205 -1.10 25.44 -19.27
N ALA A 206 -0.71 24.30 -19.82
CA ALA A 206 0.70 24.07 -20.13
C ALA A 206 0.87 23.46 -21.51
N GLY A 207 1.96 23.84 -22.15
CA GLY A 207 2.33 23.28 -23.45
C GLY A 207 3.73 23.68 -23.85
N LYS A 208 4.19 23.10 -24.95
CA LYS A 208 5.55 23.32 -25.45
C LYS A 208 5.83 24.77 -25.88
N LYS A 209 4.90 25.39 -26.58
CA LYS A 209 5.11 26.77 -27.04
C LYS A 209 5.05 27.83 -25.93
N MET A 210 4.02 27.79 -25.09
N MET A 210 4.00 27.74 -25.11
CA MET A 210 3.88 28.85 -24.09
CA MET A 210 3.72 28.74 -24.08
C MET A 210 4.22 28.41 -22.67
C MET A 210 4.40 28.46 -22.73
N GLY A 211 4.78 27.21 -22.50
CA GLY A 211 5.20 26.76 -21.18
C GLY A 211 4.06 26.66 -20.18
N TYR A 212 4.37 26.95 -18.93
CA TYR A 212 3.47 26.71 -17.83
C TYR A 212 2.79 28.02 -17.49
N GLN A 213 1.53 28.14 -17.92
CA GLN A 213 0.75 29.37 -17.78
C GLN A 213 -0.25 29.34 -16.62
N ARG A 214 0.16 29.85 -15.47
CA ARG A 214 -0.72 29.91 -14.29
C ARG A 214 -1.83 30.93 -14.48
N ILE A 215 -3.02 30.58 -14.01
CA ILE A 215 -4.20 31.40 -14.06
C ILE A 215 -4.75 31.43 -12.63
N THR A 216 -4.75 32.60 -12.00
CA THR A 216 -4.89 32.72 -10.55
C THR A 216 -6.29 32.50 -10.03
N ALA A 217 -7.28 32.45 -10.91
CA ALA A 217 -8.60 32.03 -10.53
C ALA A 217 -9.19 31.14 -11.60
N MET A 218 -9.46 29.88 -11.25
CA MET A 218 -10.08 28.92 -12.19
C MET A 218 -11.39 28.34 -11.66
N LYS A 219 -11.68 28.58 -10.39
CA LYS A 219 -12.93 28.16 -9.81
C LYS A 219 -13.23 29.00 -8.56
N GLU A 220 -14.44 28.83 -8.02
CA GLU A 220 -14.81 29.50 -6.75
C GLU A 220 -14.22 28.72 -5.59
N TYR A 221 -13.81 29.42 -4.55
CA TYR A 221 -13.46 28.78 -3.28
C TYR A 221 -14.58 27.87 -2.80
N GLY A 222 -14.17 26.79 -2.12
CA GLY A 222 -15.14 25.87 -1.54
C GLY A 222 -15.71 24.84 -2.50
N THR A 223 -15.42 24.94 -3.79
CA THR A 223 -15.81 23.87 -4.68
C THR A 223 -14.71 22.81 -4.72
N GLU A 224 -15.13 21.57 -4.91
CA GLU A 224 -14.22 20.43 -4.89
C GLU A 224 -14.06 19.78 -6.26
N GLU A 225 -14.63 20.37 -7.29
CA GLU A 225 -14.47 19.88 -8.64
C GLU A 225 -13.16 20.42 -9.16
N GLY A 226 -12.25 19.51 -9.53
CA GLY A 226 -10.99 19.87 -10.15
C GLY A 226 -10.94 19.33 -11.57
N CYS A 227 -9.78 19.38 -12.18
CA CYS A 227 -9.64 18.96 -13.56
C CYS A 227 -8.18 18.70 -13.94
N ARG A 228 -7.97 17.67 -14.76
CA ARG A 228 -6.67 17.39 -15.36
C ARG A 228 -6.91 16.69 -16.68
N VAL A 229 -6.68 17.41 -17.77
CA VAL A 229 -6.88 16.85 -19.09
C VAL A 229 -5.63 17.05 -19.94
N PHE A 230 -5.18 15.98 -20.59
CA PHE A 230 -4.05 16.06 -21.51
C PHE A 230 -4.58 15.91 -22.92
N PHE A 231 -4.34 16.90 -23.77
CA PHE A 231 -4.78 16.83 -25.16
C PHE A 231 -3.71 16.16 -26.01
N ILE A 232 -4.11 15.07 -26.64
CA ILE A 232 -3.21 14.17 -27.32
C ILE A 232 -3.32 14.21 -28.84
N ASP A 233 -2.18 14.36 -29.51
CA ASP A 233 -2.09 14.28 -30.96
C ASP A 233 -0.93 13.37 -31.35
N GLY A 234 -1.19 12.09 -31.47
CA GLY A 234 -0.12 11.16 -31.77
C GLY A 234 -0.57 10.05 -32.69
N SER A 235 0.41 9.31 -33.21
CA SER A 235 0.15 8.27 -34.18
C SER A 235 0.08 6.92 -33.53
N ASN A 236 0.20 6.88 -32.20
CA ASN A 236 0.24 5.59 -31.50
C ASN A 236 -1.03 5.27 -30.68
N ASP A 237 -1.13 4.03 -30.21
CA ASP A 237 -2.28 3.62 -29.40
C ASP A 237 -2.12 4.18 -27.99
N VAL A 238 -3.25 4.29 -27.32
CA VAL A 238 -3.30 4.96 -26.07
C VAL A 238 -2.50 4.22 -24.98
N ASN A 239 -2.42 2.90 -25.07
CA ASN A 239 -1.74 2.14 -24.02
C ASN A 239 -0.28 2.41 -23.96
N THR A 240 0.28 2.79 -25.09
CA THR A 240 1.67 3.16 -25.17
C THR A 240 1.90 4.44 -24.40
N TYR A 241 1.10 5.44 -24.72
CA TYR A 241 1.20 6.73 -24.07
C TYR A 241 0.96 6.62 -22.56
N ILE A 242 0.03 5.75 -22.17
CA ILE A 242 -0.24 5.53 -20.75
C ILE A 242 0.99 4.96 -20.05
N HIS A 243 1.58 3.95 -20.67
CA HIS A 243 2.78 3.35 -20.15
C HIS A 243 3.93 4.38 -20.04
N ASP A 244 4.08 5.24 -21.02
CA ASP A 244 5.10 6.29 -20.94
C ASP A 244 4.87 7.20 -19.74
N LEU A 245 3.64 7.69 -19.60
CA LEU A 245 3.32 8.61 -18.51
C LEU A 245 3.49 7.99 -17.14
N GLU A 246 3.19 6.71 -17.03
CA GLU A 246 3.26 6.05 -15.73
C GLU A 246 4.66 5.57 -15.40
N LYS A 247 5.46 5.30 -16.44
CA LYS A 247 6.68 4.54 -16.25
C LYS A 247 8.01 5.28 -16.48
N GLN A 248 7.98 6.37 -17.24
CA GLN A 248 9.18 7.13 -17.57
C GLN A 248 9.63 8.00 -16.42
N PRO A 249 10.81 7.72 -15.91
CA PRO A 249 11.30 8.45 -14.76
C PRO A 249 11.96 9.77 -15.12
N ILE A 250 11.59 10.82 -14.38
CA ILE A 250 11.98 12.17 -14.70
C ILE A 250 12.34 12.88 -13.43
N LEU A 251 13.52 13.51 -13.39
CA LEU A 251 13.84 14.44 -12.33
C LEU A 251 13.92 15.83 -12.91
N ILE A 252 13.37 16.79 -12.20
CA ILE A 252 13.49 18.16 -12.60
C ILE A 252 14.76 18.73 -11.98
N GLU A 253 15.58 19.37 -12.81
CA GLU A 253 16.71 20.16 -12.32
C GLU A 253 16.87 21.45 -13.13
N TRP A 254 16.60 22.57 -12.47
CA TRP A 254 16.68 23.89 -13.08
C TRP A 254 18.10 24.45 -13.07
N GLU A 255 18.47 25.11 -14.16
CA GLU A 255 19.67 25.94 -14.23
C GLU A 255 19.35 27.23 -14.97
N GLU A 256 19.94 28.34 -14.52
CA GLU A 256 19.75 29.64 -15.20
C GLU A 256 20.42 29.71 -16.57
N GLU B 6 -13.42 7.00 17.73
CA GLU B 6 -12.68 5.85 18.34
C GLU B 6 -12.86 4.55 17.55
N THR B 7 -12.74 4.65 16.24
CA THR B 7 -12.79 3.48 15.37
C THR B 7 -11.41 2.88 15.18
N PHE B 8 -11.40 1.61 14.80
CA PHE B 8 -10.16 0.92 14.57
C PHE B 8 -9.81 0.77 13.12
N TYR B 9 -8.50 0.60 12.89
CA TYR B 9 -7.93 0.53 11.55
C TYR B 9 -7.06 -0.70 11.36
N SER B 10 -7.31 -1.42 10.27
CA SER B 10 -6.42 -2.46 9.83
C SER B 10 -5.22 -1.88 9.08
N VAL B 11 -4.01 -2.24 9.49
CA VAL B 11 -2.81 -1.79 8.81
C VAL B 11 -1.99 -3.01 8.41
N ARG B 12 -1.68 -3.11 7.12
CA ARG B 12 -0.98 -4.30 6.56
C ARG B 12 0.21 -3.91 5.76
N MET B 13 1.20 -4.79 5.74
CA MET B 13 2.41 -4.57 4.99
C MET B 13 2.87 -5.86 4.30
N ARG B 14 3.41 -5.72 3.09
CA ARG B 14 4.18 -6.82 2.49
C ARG B 14 5.38 -6.29 1.72
N ALA B 15 6.45 -7.07 1.73
CA ALA B 15 7.69 -6.67 1.09
C ALA B 15 8.33 -7.88 0.41
N SER B 16 8.99 -7.63 -0.71
CA SER B 16 9.64 -8.70 -1.43
C SER B 16 10.94 -8.21 -2.05
N MET B 17 11.76 -9.17 -2.47
CA MET B 17 13.08 -8.92 -3.08
C MET B 17 13.00 -9.51 -4.46
N ASN B 18 13.62 -8.85 -5.43
CA ASN B 18 13.43 -9.16 -6.84
C ASN B 18 11.97 -8.88 -7.23
N GLY B 24 8.55 -13.71 -10.11
CA GLY B 24 8.11 -14.22 -8.81
C GLY B 24 9.05 -13.80 -7.69
N GLY B 25 8.88 -12.58 -7.21
CA GLY B 25 9.72 -12.04 -6.13
C GLY B 25 9.79 -12.93 -4.89
N LYS B 26 10.93 -12.92 -4.20
CA LYS B 26 11.08 -13.65 -2.96
C LYS B 26 10.43 -12.87 -1.82
N HIS B 27 9.45 -13.47 -1.15
CA HIS B 27 8.81 -12.87 0.01
C HIS B 27 9.85 -12.59 1.11
N ILE B 28 9.87 -11.36 1.58
CA ILE B 28 10.79 -10.95 2.62
C ILE B 28 10.04 -10.85 3.95
N SER B 29 8.93 -10.11 3.95
CA SER B 29 8.25 -9.80 5.16
C SER B 29 6.78 -9.45 4.94
N GLY B 30 6.03 -9.55 6.03
CA GLY B 30 4.60 -9.26 6.02
C GLY B 30 4.22 -8.91 7.43
N GLY B 31 3.21 -8.08 7.59
CA GLY B 31 2.75 -7.70 8.91
C GLY B 31 1.32 -7.25 8.89
N GLU B 32 0.63 -7.42 10.01
CA GLU B 32 -0.75 -7.03 10.12
C GLU B 32 -1.00 -6.47 11.52
N ARG B 33 -1.71 -5.34 11.58
CA ARG B 33 -1.94 -4.66 12.81
C ARG B 33 -3.37 -4.16 12.81
N LEU B 34 -3.87 -3.83 13.99
CA LEU B 34 -5.23 -3.40 14.19
C LEU B 34 -5.18 -2.42 15.35
N ILE B 35 -5.45 -1.15 15.04
CA ILE B 35 -5.08 -0.07 15.93
C ILE B 35 -6.05 1.08 15.87
N PRO B 36 -6.07 1.90 16.94
CA PRO B 36 -6.81 3.17 16.93
C PRO B 36 -6.05 4.13 16.08
N PHE B 37 -6.74 5.10 15.54
CA PHE B 37 -6.15 5.98 14.57
C PHE B 37 -4.90 6.71 15.06
N HIS B 38 -4.87 7.09 16.34
CA HIS B 38 -3.77 7.91 16.85
C HIS B 38 -2.45 7.16 16.92
N GLU B 39 -2.48 5.85 16.66
CA GLU B 39 -1.25 5.09 16.59
C GLU B 39 -0.78 4.85 15.14
N MET B 40 -1.36 5.57 14.19
CA MET B 40 -1.06 5.37 12.80
C MET B 40 0.40 5.62 12.47
N LYS B 41 0.95 6.75 12.88
CA LYS B 41 2.34 7.08 12.52
C LYS B 41 3.31 6.04 13.05
N HIS B 42 3.16 5.67 14.29
CA HIS B 42 4.09 4.76 14.94
C HIS B 42 4.00 3.43 14.24
N THR B 43 2.78 3.08 13.85
CA THR B 43 2.50 1.73 13.33
C THR B 43 2.93 1.58 11.90
N VAL B 44 2.70 2.62 11.10
CA VAL B 44 3.21 2.63 9.75
C VAL B 44 4.71 2.56 9.78
N ASN B 45 5.33 3.32 10.69
CA ASN B 45 6.79 3.29 10.84
C ASN B 45 7.30 1.95 11.34
N ALA B 46 6.56 1.32 12.24
CA ALA B 46 7.03 0.04 12.76
C ALA B 46 7.02 -0.98 11.64
N LEU B 47 5.96 -0.96 10.85
CA LEU B 47 5.85 -1.91 9.75
C LEU B 47 6.91 -1.65 8.70
N LEU B 48 7.15 -0.38 8.44
CA LEU B 48 8.19 0.01 7.51
C LEU B 48 9.50 -0.54 7.96
N GLU B 49 9.86 -0.27 9.22
CA GLU B 49 11.15 -0.69 9.77
C GLU B 49 11.29 -2.20 9.67
N LYS B 50 10.20 -2.89 9.95
CA LYS B 50 10.23 -4.35 10.02
C LYS B 50 10.52 -4.94 8.64
N GLY B 51 10.00 -4.31 7.60
CA GLY B 51 10.27 -4.74 6.25
C GLY B 51 11.69 -4.41 5.78
N LEU B 52 12.19 -3.24 6.19
CA LEU B 52 13.52 -2.77 5.75
C LEU B 52 14.69 -3.53 6.38
N SER B 53 14.55 -3.91 7.63
CA SER B 53 15.66 -4.49 8.33
C SER B 53 15.34 -5.95 8.61
N HIS B 54 14.96 -6.70 7.59
CA HIS B 54 14.65 -8.10 7.78
C HIS B 54 15.83 -9.01 7.40
N SER B 55 16.04 -10.04 8.22
CA SER B 55 17.17 -10.94 8.06
C SER B 55 17.11 -11.75 6.77
N ARG B 56 15.95 -11.75 6.09
CA ARG B 56 15.81 -12.51 4.84
C ARG B 56 16.28 -11.70 3.63
N GLY B 57 16.64 -10.44 3.87
CA GLY B 57 17.16 -9.55 2.82
C GLY B 57 16.52 -8.16 2.82
N LYS B 58 17.05 -7.29 1.96
CA LYS B 58 16.48 -5.96 1.73
C LYS B 58 15.52 -5.97 0.54
N PRO B 59 14.34 -5.37 0.70
CA PRO B 59 13.32 -5.46 -0.34
C PRO B 59 13.44 -4.36 -1.39
N ASP B 60 12.97 -4.66 -2.58
CA ASP B 60 12.86 -3.65 -3.63
C ASP B 60 11.38 -3.38 -3.98
N PHE B 61 10.50 -4.00 -3.21
CA PHE B 61 9.07 -3.76 -3.33
C PHE B 61 8.45 -3.78 -1.92
N MET B 62 7.55 -2.84 -1.65
CA MET B 62 6.82 -2.85 -0.41
C MET B 62 5.51 -2.13 -0.59
N GLN B 63 4.49 -2.64 0.08
CA GLN B 63 3.18 -2.02 0.13
C GLN B 63 2.77 -1.90 1.56
N ILE B 64 2.33 -0.72 1.94
CA ILE B 64 1.71 -0.54 3.24
C ILE B 64 0.37 0.05 3.04
N GLN B 65 -0.60 -0.46 3.77
CA GLN B 65 -1.96 -0.05 3.56
C GLN B 65 -2.76 -0.01 4.87
N PHE B 66 -3.72 0.90 4.97
CA PHE B 66 -4.64 0.88 6.09
C PHE B 66 -6.02 1.14 5.63
N GLU B 67 -6.96 0.67 6.44
CA GLU B 67 -8.36 0.86 6.13
C GLU B 67 -9.18 0.75 7.41
N GLU B 68 -10.24 1.52 7.46
CA GLU B 68 -11.11 1.49 8.59
C GLU B 68 -11.82 0.17 8.65
N VAL B 69 -11.89 -0.40 9.84
CA VAL B 69 -12.67 -1.59 10.06
C VAL B 69 -14.09 -1.23 10.51
N HIS B 70 -15.09 -1.78 9.83
CA HIS B 70 -16.49 -1.48 10.15
C HIS B 70 -17.14 -2.56 11.00
N GLU B 71 -16.73 -3.81 10.81
CA GLU B 71 -17.14 -4.91 11.69
C GLU B 71 -16.78 -4.56 13.12
N SER B 72 -17.56 -5.04 14.08
CA SER B 72 -17.24 -4.80 15.48
C SER B 72 -16.13 -5.73 15.91
N ILE B 73 -15.39 -5.29 16.91
CA ILE B 73 -14.15 -5.93 17.35
C ILE B 73 -14.37 -6.83 18.52
N LYS B 74 -14.04 -8.10 18.37
CA LYS B 74 -14.09 -9.04 19.49
C LYS B 74 -12.77 -9.01 20.25
N THR B 75 -12.84 -9.06 21.57
CA THR B 75 -11.67 -9.12 22.42
C THR B 75 -11.62 -10.47 23.12
N ILE B 76 -10.47 -11.12 23.09
CA ILE B 76 -10.31 -12.43 23.69
C ILE B 76 -9.01 -12.50 24.46
N GLN B 77 -8.92 -13.49 25.34
CA GLN B 77 -7.69 -13.77 26.04
C GLN B 77 -6.75 -14.50 25.07
N PRO B 78 -5.46 -14.46 25.36
CA PRO B 78 -4.56 -15.28 24.63
C PRO B 78 -4.63 -16.72 25.08
N LEU B 79 -4.23 -17.64 24.21
CA LEU B 79 -4.10 -19.03 24.61
C LEU B 79 -3.20 -19.19 25.82
N PRO B 80 -3.53 -20.13 26.71
CA PRO B 80 -2.54 -20.52 27.73
C PRO B 80 -1.26 -20.94 27.03
N VAL B 81 -0.12 -20.63 27.64
CA VAL B 81 1.18 -20.89 27.06
C VAL B 81 1.99 -21.87 27.90
N HIS B 82 2.65 -22.79 27.22
CA HIS B 82 3.59 -23.68 27.88
C HIS B 82 4.81 -23.84 26.97
N THR B 83 5.98 -23.74 27.57
CA THR B 83 7.23 -23.80 26.83
C THR B 83 7.91 -25.17 27.00
N ASN B 84 8.07 -25.89 25.88
CA ASN B 84 8.71 -27.19 25.85
C ASN B 84 10.17 -27.07 25.44
N GLU B 85 11.08 -27.19 26.41
CA GLU B 85 12.50 -27.17 26.10
C GLU B 85 12.85 -28.47 25.40
N VAL B 86 13.54 -28.35 24.28
CA VAL B 86 14.11 -29.50 23.61
C VAL B 86 15.56 -29.17 23.22
N SER B 87 16.34 -30.20 22.93
CA SER B 87 17.76 -30.01 22.72
C SER B 87 18.12 -29.94 21.25
N CYS B 88 17.21 -30.38 20.37
CA CYS B 88 17.45 -30.36 18.93
C CYS B 88 16.15 -30.41 18.11
N PRO B 89 16.23 -30.02 16.84
CA PRO B 89 15.10 -29.98 15.91
C PRO B 89 14.37 -31.30 15.78
N GLU B 90 15.10 -32.41 15.67
CA GLU B 90 14.46 -33.70 15.44
C GLU B 90 13.60 -34.06 16.62
N GLU B 91 14.01 -33.60 17.80
CA GLU B 91 13.26 -33.80 19.04
C GLU B 91 12.00 -32.92 19.09
N GLY B 92 12.14 -31.66 18.71
CA GLY B 92 11.01 -30.74 18.66
C GLY B 92 9.94 -31.20 17.67
N GLN B 93 10.36 -31.60 16.49
CA GLN B 93 9.43 -32.06 15.46
C GLN B 93 8.69 -33.29 15.93
N LYS B 94 9.40 -34.14 16.65
CA LYS B 94 8.80 -35.34 17.21
C LYS B 94 7.77 -34.98 18.27
N LEU B 95 8.13 -34.09 19.18
CA LEU B 95 7.17 -33.56 20.14
C LEU B 95 5.93 -32.90 19.49
N ALA B 96 6.19 -32.10 18.45
CA ALA B 96 5.11 -31.44 17.72
C ALA B 96 4.13 -32.45 17.14
N ARG B 97 4.65 -33.52 16.57
CA ARG B 97 3.76 -34.56 15.97
C ARG B 97 2.90 -35.22 17.05
N LEU B 98 3.50 -35.41 18.21
CA LEU B 98 2.80 -35.96 19.34
C LEU B 98 1.71 -34.99 19.83
N LEU B 99 2.05 -33.70 19.94
CA LEU B 99 1.04 -32.72 20.39
C LEU B 99 -0.13 -32.60 19.43
N LEU B 100 0.14 -32.63 18.14
CA LEU B 100 -0.92 -32.54 17.15
C LEU B 100 -1.86 -33.72 17.31
N GLU B 101 -1.30 -34.89 17.61
CA GLU B 101 -2.12 -36.08 17.76
C GLU B 101 -2.99 -35.94 19.00
N LYS B 102 -2.39 -35.62 20.13
CA LYS B 102 -3.16 -35.39 21.35
C LYS B 102 -4.25 -34.32 21.19
N GLU B 103 -4.11 -33.41 20.22
CA GLU B 103 -5.10 -32.38 20.01
C GLU B 103 -6.20 -32.86 19.09
N GLY B 104 -5.99 -34.01 18.43
CA GLY B 104 -7.07 -34.65 17.67
C GLY B 104 -6.81 -34.89 16.20
N VAL B 105 -5.61 -34.59 15.73
CA VAL B 105 -5.27 -34.91 14.35
C VAL B 105 -4.77 -36.35 14.30
N SER B 106 -5.33 -37.16 13.41
CA SER B 106 -4.87 -38.55 13.22
C SER B 106 -3.41 -38.58 12.74
N ARG B 107 -2.69 -39.62 13.14
CA ARG B 107 -1.30 -39.77 12.74
C ARG B 107 -1.13 -39.75 11.22
N ASP B 108 -2.03 -40.37 10.49
CA ASP B 108 -1.87 -40.46 9.05
C ASP B 108 -2.03 -39.06 8.40
N VAL B 109 -2.92 -38.24 8.93
CA VAL B 109 -3.09 -36.88 8.42
C VAL B 109 -1.86 -36.04 8.71
N ILE B 110 -1.27 -36.25 9.87
CA ILE B 110 -0.05 -35.56 10.23
C ILE B 110 1.06 -35.94 9.26
N GLU B 111 1.25 -37.23 9.04
CA GLU B 111 2.37 -37.71 8.20
C GLU B 111 2.19 -37.23 6.78
N LYS B 112 0.95 -37.20 6.31
CA LYS B 112 0.70 -36.73 4.98
C LYS B 112 1.10 -35.26 4.86
N ALA B 113 0.80 -34.49 5.91
CA ALA B 113 1.09 -33.08 5.88
C ALA B 113 2.59 -32.88 5.90
N TYR B 114 3.30 -33.62 6.75
CA TYR B 114 4.75 -33.43 6.84
C TYR B 114 5.45 -33.74 5.53
N GLU B 115 4.90 -34.63 4.73
CA GLU B 115 5.49 -34.94 3.43
C GLU B 115 5.37 -33.76 2.44
N GLN B 116 4.36 -32.90 2.62
CA GLN B 116 4.11 -31.75 1.72
C GLN B 116 4.60 -30.43 2.25
N ILE B 117 4.98 -30.39 3.51
CA ILE B 117 5.44 -29.15 4.12
C ILE B 117 6.60 -28.50 3.36
N PRO B 118 7.57 -29.29 2.93
CA PRO B 118 8.69 -28.79 2.12
C PRO B 118 8.26 -28.06 0.84
N GLU B 119 7.29 -28.60 0.14
CA GLU B 119 6.71 -27.92 -1.02
C GLU B 119 5.87 -26.67 -0.71
N TRP B 120 5.54 -26.44 0.56
CA TRP B 120 4.76 -25.26 0.95
C TRP B 120 5.61 -24.13 1.50
N SER B 121 6.93 -24.29 1.49
CA SER B 121 7.84 -23.33 2.12
C SER B 121 7.70 -21.94 1.54
N ASP B 122 7.28 -21.88 0.28
CA ASP B 122 7.15 -20.58 -0.40
C ASP B 122 5.76 -19.94 -0.28
N VAL B 123 4.84 -20.64 0.37
CA VAL B 123 3.54 -20.09 0.59
C VAL B 123 3.68 -18.88 1.49
N ARG B 124 3.14 -17.74 1.06
CA ARG B 124 3.28 -16.47 1.75
C ARG B 124 2.41 -16.36 3.01
N GLY B 125 1.31 -17.10 3.00
CA GLY B 125 0.41 -17.15 4.14
C GLY B 125 0.40 -18.54 4.73
N ALA B 126 -0.78 -19.02 5.12
CA ALA B 126 -0.89 -20.32 5.71
C ALA B 126 -1.54 -21.30 4.75
N VAL B 127 -1.30 -22.58 5.00
CA VAL B 127 -1.93 -23.66 4.29
C VAL B 127 -3.03 -24.26 5.14
N LEU B 128 -4.16 -24.60 4.51
CA LEU B 128 -5.23 -25.29 5.20
C LEU B 128 -5.27 -26.77 4.78
N PHE B 129 -5.23 -27.66 5.76
CA PHE B 129 -5.18 -29.08 5.51
C PHE B 129 -6.41 -29.74 6.12
N ASP B 130 -7.21 -30.38 5.28
CA ASP B 130 -8.45 -31.01 5.73
C ASP B 130 -8.18 -32.35 6.40
N ILE B 131 -8.60 -32.52 7.66
CA ILE B 131 -8.35 -33.77 8.38
C ILE B 131 -9.19 -34.93 7.86
N HIS B 132 -10.26 -34.64 7.15
CA HIS B 132 -11.10 -35.68 6.57
C HIS B 132 -10.47 -36.26 5.31
N THR B 133 -10.01 -35.40 4.41
CA THR B 133 -9.56 -35.86 3.10
C THR B 133 -8.05 -36.11 3.09
N GLY B 134 -7.37 -35.79 4.18
CA GLY B 134 -5.91 -35.84 4.21
C GLY B 134 -5.21 -35.00 3.15
N LYS B 135 -5.83 -33.89 2.75
CA LYS B 135 -5.33 -33.06 1.67
C LYS B 135 -5.50 -31.56 1.91
N ARG B 136 -4.74 -30.78 1.17
CA ARG B 136 -4.82 -29.35 1.23
C ARG B 136 -6.20 -28.92 0.77
N MET B 137 -6.74 -27.92 1.44
CA MET B 137 -8.16 -27.58 1.31
C MET B 137 -8.34 -26.27 0.54
N ASP B 138 -7.40 -25.36 0.72
CA ASP B 138 -7.51 -24.06 0.09
C ASP B 138 -6.94 -24.08 -1.32
N GLN B 139 -7.29 -23.08 -2.11
CA GLN B 139 -6.89 -23.07 -3.50
C GLN B 139 -6.11 -21.82 -3.82
N THR B 140 -5.37 -21.33 -2.82
CA THR B 140 -4.66 -20.07 -2.94
C THR B 140 -3.23 -20.27 -3.40
N LYS B 141 -2.83 -21.53 -3.51
CA LYS B 141 -1.48 -21.84 -3.97
C LYS B 141 -0.37 -21.13 -3.20
N GLU B 142 0.46 -20.36 -3.87
CA GLU B 142 1.62 -19.72 -3.27
C GLU B 142 1.24 -18.56 -2.39
N LYS B 143 0.02 -18.07 -2.58
CA LYS B 143 -0.45 -16.95 -1.83
C LYS B 143 -0.71 -17.42 -0.39
N GLY B 144 -1.40 -18.54 -0.26
CA GLY B 144 -1.83 -19.01 1.02
C GLY B 144 -2.96 -18.13 1.57
N VAL B 145 -3.41 -18.47 2.75
CA VAL B 145 -4.45 -17.74 3.44
C VAL B 145 -3.79 -16.82 4.48
N ARG B 146 -3.93 -15.51 4.32
CA ARG B 146 -3.25 -14.53 5.19
C ARG B 146 -4.23 -14.10 6.26
N VAL B 147 -3.94 -14.47 7.50
CA VAL B 147 -4.78 -14.09 8.61
C VAL B 147 -4.50 -12.65 8.91
N SER B 148 -5.53 -11.84 9.08
CA SER B 148 -5.26 -10.46 9.48
C SER B 148 -6.35 -9.81 10.40
N ARG B 149 -6.19 -8.52 10.66
CA ARG B 149 -7.05 -7.80 11.59
C ARG B 149 -7.03 -8.36 12.97
N MET B 150 -5.86 -8.73 13.44
CA MET B 150 -5.68 -9.09 14.85
C MET B 150 -4.49 -8.32 15.39
N ASP B 151 -4.51 -8.02 16.67
CA ASP B 151 -3.41 -7.31 17.29
C ASP B 151 -3.52 -7.42 18.80
N TRP B 152 -2.44 -7.03 19.47
CA TRP B 152 -2.32 -7.14 20.90
C TRP B 152 -1.66 -5.84 21.36
N PRO B 153 -2.44 -4.92 21.92
CA PRO B 153 -1.86 -3.68 22.46
C PRO B 153 -0.62 -3.99 23.33
N ASP B 154 0.46 -3.24 23.07
CA ASP B 154 1.74 -3.52 23.65
C ASP B 154 1.83 -3.52 25.16
N ALA B 155 1.21 -2.53 25.80
CA ALA B 155 1.29 -2.41 27.24
C ALA B 155 0.74 -3.71 27.87
N ASN B 156 -0.45 -4.12 27.47
CA ASN B 156 -1.02 -5.39 27.93
C ASN B 156 -0.09 -6.58 27.66
N PHE B 157 0.49 -6.62 26.46
CA PHE B 157 1.37 -7.74 26.12
C PHE B 157 2.57 -7.77 27.03
N GLU B 158 3.17 -6.63 27.27
CA GLU B 158 4.34 -6.59 28.18
C GLU B 158 4.00 -7.15 29.57
N LYS B 159 2.86 -6.75 30.14
CA LYS B 159 2.43 -7.33 31.41
C LYS B 159 2.29 -8.83 31.27
N TRP B 160 1.63 -9.28 30.21
CA TRP B 160 1.46 -10.73 30.04
C TRP B 160 2.79 -11.43 29.99
N ALA B 161 3.76 -10.84 29.32
CA ALA B 161 5.09 -11.44 29.19
C ALA B 161 5.75 -11.52 30.54
N LEU B 162 5.79 -10.40 31.23
CA LEU B 162 6.30 -10.37 32.59
C LEU B 162 5.71 -11.52 33.39
N HIS B 163 4.38 -11.53 33.55
CA HIS B 163 3.72 -12.54 34.36
C HIS B 163 3.97 -13.97 33.87
N SER B 164 4.05 -14.18 32.57
CA SER B 164 4.22 -15.53 32.03
C SER B 164 5.68 -15.96 31.96
N HIS B 165 6.59 -15.10 32.43
CA HIS B 165 8.03 -15.39 32.31
C HIS B 165 8.35 -15.80 30.88
N VAL B 166 7.97 -14.95 29.94
CA VAL B 166 8.37 -15.12 28.57
C VAL B 166 9.00 -13.80 28.14
N PRO B 167 9.96 -13.85 27.22
CA PRO B 167 10.52 -12.59 26.71
C PRO B 167 9.47 -11.75 25.97
N ALA B 168 9.51 -10.45 26.17
CA ALA B 168 8.59 -9.55 25.53
C ALA B 168 9.01 -9.24 24.10
N HIS B 169 9.18 -10.27 23.29
CA HIS B 169 9.55 -10.07 21.89
C HIS B 169 8.32 -9.89 21.06
N SER B 170 8.35 -8.93 20.14
CA SER B 170 7.14 -8.66 19.39
C SER B 170 6.82 -9.85 18.45
N ARG B 171 7.81 -10.64 18.15
CA ARG B 171 7.62 -11.82 17.34
C ARG B 171 6.68 -12.81 18.04
N ILE B 172 6.73 -12.81 19.36
CA ILE B 172 5.89 -13.69 20.15
C ILE B 172 4.51 -13.07 20.27
N LYS B 173 4.48 -11.75 20.43
CA LYS B 173 3.23 -11.08 20.51
C LYS B 173 2.44 -11.35 19.24
N GLU B 174 3.10 -11.22 18.09
CA GLU B 174 2.42 -11.42 16.81
C GLU B 174 2.00 -12.88 16.61
N ALA B 175 2.84 -13.82 16.98
CA ALA B 175 2.53 -15.24 16.77
C ALA B 175 1.37 -15.68 17.62
N LEU B 176 1.37 -15.25 18.87
CA LEU B 176 0.34 -15.68 19.83
C LEU B 176 -1.00 -15.00 19.55
N ALA B 177 -0.95 -13.74 19.14
CA ALA B 177 -2.17 -13.05 18.69
C ALA B 177 -2.79 -13.82 17.52
N LEU B 178 -1.98 -14.14 16.51
CA LEU B 178 -2.41 -14.95 15.38
C LEU B 178 -2.95 -16.30 15.82
N ALA B 179 -2.17 -17.01 16.64
CA ALA B 179 -2.53 -18.34 17.05
C ALA B 179 -3.82 -18.33 17.87
N SER B 180 -4.07 -17.27 18.64
CA SER B 180 -5.28 -17.19 19.47
C SER B 180 -6.50 -16.90 18.61
N LYS B 181 -6.35 -16.01 17.65
CA LYS B 181 -7.41 -15.78 16.71
C LYS B 181 -7.81 -17.05 15.93
N VAL B 182 -6.82 -17.75 15.42
CA VAL B 182 -7.05 -18.90 14.59
C VAL B 182 -7.66 -20.02 15.39
N SER B 183 -7.12 -20.28 16.57
CA SER B 183 -7.64 -21.39 17.42
C SER B 183 -9.09 -21.21 17.86
N ARG B 184 -9.53 -19.97 17.93
CA ARG B 184 -10.90 -19.69 18.31
C ARG B 184 -11.86 -20.23 17.23
N HIS B 185 -11.42 -20.25 15.99
CA HIS B 185 -12.31 -20.66 14.92
C HIS B 185 -12.73 -22.10 15.12
N PRO B 186 -14.06 -22.34 15.13
CA PRO B 186 -14.52 -23.68 15.49
C PRO B 186 -14.08 -24.77 14.50
N ALA B 187 -13.71 -24.40 13.29
CA ALA B 187 -13.29 -25.40 12.34
C ALA B 187 -11.81 -25.74 12.43
N VAL B 188 -11.08 -25.13 13.35
CA VAL B 188 -9.63 -25.35 13.43
C VAL B 188 -9.22 -26.20 14.58
N VAL B 189 -8.76 -27.42 14.27
CA VAL B 189 -8.32 -28.35 15.29
C VAL B 189 -6.89 -28.03 15.79
N ALA B 190 -6.03 -27.54 14.93
CA ALA B 190 -4.63 -27.33 15.32
C ALA B 190 -3.88 -26.50 14.32
N GLU B 191 -2.84 -25.86 14.82
CA GLU B 191 -1.94 -25.11 14.00
C GLU B 191 -0.53 -25.60 14.27
N LEU B 192 0.24 -25.71 13.19
CA LEU B 192 1.67 -26.01 13.28
C LEU B 192 2.46 -24.88 12.62
N CYS B 193 3.36 -24.29 13.36
CA CYS B 193 4.10 -23.19 12.86
C CYS B 193 5.57 -23.21 13.25
N TRP B 194 6.45 -22.89 12.30
CA TRP B 194 7.75 -22.35 12.67
C TRP B 194 8.19 -21.27 11.67
N SER B 195 9.20 -20.50 12.04
CA SER B 195 9.59 -19.29 11.32
C SER B 195 10.33 -19.55 10.03
N ASP B 196 10.21 -18.61 9.09
CA ASP B 196 10.99 -18.71 7.86
C ASP B 196 12.28 -17.88 7.97
N ASP B 197 12.48 -17.25 9.13
CA ASP B 197 13.68 -16.48 9.43
C ASP B 197 14.82 -17.38 9.89
N PRO B 198 15.99 -17.27 9.24
CA PRO B 198 17.16 -18.14 9.51
C PRO B 198 17.70 -18.01 10.95
N ASP B 199 17.36 -16.91 11.58
CA ASP B 199 17.88 -16.57 12.90
C ASP B 199 16.98 -16.99 14.07
N TYR B 200 15.82 -17.60 13.78
CA TYR B 200 14.88 -17.94 14.84
C TYR B 200 14.34 -19.36 14.69
N ILE B 201 14.61 -20.19 15.67
CA ILE B 201 14.32 -21.61 15.53
C ILE B 201 13.18 -22.13 16.38
N THR B 202 12.66 -21.29 17.26
CA THR B 202 11.54 -21.68 18.09
C THR B 202 10.27 -21.66 17.26
N GLY B 203 9.43 -22.68 17.43
CA GLY B 203 8.12 -22.76 16.77
C GLY B 203 7.04 -23.08 17.78
N TYR B 204 5.88 -23.52 17.31
CA TYR B 204 4.84 -23.96 18.21
C TYR B 204 3.84 -24.81 17.54
N VAL B 205 3.08 -25.49 18.39
CA VAL B 205 1.86 -26.12 18.01
C VAL B 205 0.76 -25.49 18.90
N ALA B 206 -0.38 -25.24 18.33
CA ALA B 206 -1.43 -24.62 19.07
C ALA B 206 -2.77 -25.30 18.80
N GLY B 207 -3.58 -25.36 19.84
CA GLY B 207 -4.95 -25.88 19.73
C GLY B 207 -5.75 -25.51 20.98
N LYS B 208 -7.05 -25.75 20.90
CA LYS B 208 -7.99 -25.42 21.97
C LYS B 208 -7.68 -26.13 23.26
N LYS B 209 -7.36 -27.41 23.21
CA LYS B 209 -7.12 -28.16 24.45
C LYS B 209 -5.80 -27.82 25.09
N MET B 210 -4.72 -27.85 24.34
N MET B 210 -4.75 -27.82 24.27
CA MET B 210 -3.41 -27.67 24.97
CA MET B 210 -3.38 -27.70 24.73
C MET B 210 -2.85 -26.26 24.78
C MET B 210 -2.89 -26.26 24.80
N GLY B 211 -3.64 -25.34 24.23
CA GLY B 211 -3.17 -23.98 24.09
C GLY B 211 -1.95 -23.82 23.21
N TYR B 212 -1.10 -22.87 23.55
CA TYR B 212 0.00 -22.48 22.70
C TYR B 212 1.23 -23.15 23.24
N GLN B 213 1.67 -24.18 22.55
CA GLN B 213 2.80 -25.02 22.98
C GLN B 213 4.08 -24.68 22.21
N ARG B 214 4.91 -23.83 22.80
CA ARG B 214 6.20 -23.48 22.21
C ARG B 214 7.18 -24.63 22.28
N ILE B 215 7.94 -24.79 21.21
CA ILE B 215 8.95 -25.82 21.10
C ILE B 215 10.21 -25.06 20.67
N THR B 216 11.21 -25.03 21.55
CA THR B 216 12.35 -24.10 21.43
C THR B 216 13.32 -24.41 20.29
N ALA B 217 13.23 -25.60 19.71
CA ALA B 217 13.97 -25.91 18.51
C ALA B 217 13.12 -26.68 17.53
N MET B 218 12.83 -26.08 16.37
CA MET B 218 12.03 -26.73 15.32
C MET B 218 12.78 -26.84 13.98
N LYS B 219 13.92 -26.18 13.87
CA LYS B 219 14.78 -26.28 12.68
C LYS B 219 16.21 -25.88 13.04
N GLU B 220 17.13 -26.08 12.10
CA GLU B 220 18.51 -25.64 12.29
C GLU B 220 18.60 -24.17 11.98
N TYR B 221 19.46 -23.46 12.69
CA TYR B 221 19.80 -22.11 12.31
C TYR B 221 20.24 -22.02 10.87
N GLY B 222 19.95 -20.88 10.26
CA GLY B 222 20.41 -20.61 8.91
C GLY B 222 19.49 -21.11 7.82
N THR B 223 18.56 -22.00 8.15
CA THR B 223 17.60 -22.44 7.13
C THR B 223 16.47 -21.40 7.04
N GLU B 224 15.91 -21.25 5.84
CA GLU B 224 14.89 -20.25 5.56
C GLU B 224 13.53 -20.88 5.26
N GLU B 225 13.43 -22.19 5.42
CA GLU B 225 12.15 -22.89 5.25
C GLU B 225 11.38 -22.77 6.53
N GLY B 226 10.19 -22.18 6.45
CA GLY B 226 9.30 -22.06 7.58
C GLY B 226 8.04 -22.85 7.30
N CYS B 227 7.01 -22.64 8.11
CA CYS B 227 5.79 -23.41 7.95
C CYS B 227 4.65 -22.78 8.71
N ARG B 228 3.47 -22.86 8.12
CA ARG B 228 2.22 -22.50 8.81
C ARG B 228 1.10 -23.36 8.23
N VAL B 229 0.60 -24.28 9.02
CA VAL B 229 -0.50 -25.12 8.59
C VAL B 229 -1.62 -25.10 9.61
N PHE B 230 -2.84 -24.95 9.14
CA PHE B 230 -3.99 -25.03 10.00
C PHE B 230 -4.72 -26.31 9.65
N PHE B 231 -4.90 -27.19 10.61
CA PHE B 231 -5.63 -28.41 10.37
C PHE B 231 -7.11 -28.16 10.63
N ILE B 232 -7.91 -28.39 9.59
CA ILE B 232 -9.32 -28.05 9.52
C ILE B 232 -10.24 -29.25 9.56
N ASP B 233 -11.27 -29.15 10.40
CA ASP B 233 -12.35 -30.11 10.47
C ASP B 233 -13.69 -29.40 10.30
N GLY B 234 -14.14 -29.25 9.07
CA GLY B 234 -15.39 -28.54 8.81
C GLY B 234 -16.15 -29.07 7.61
N SER B 235 -17.48 -29.14 7.73
CA SER B 235 -18.35 -29.55 6.63
C SER B 235 -18.66 -28.37 5.73
N ASN B 236 -18.33 -27.17 6.21
CA ASN B 236 -18.65 -25.95 5.50
C ASN B 236 -17.58 -25.71 4.45
N ASP B 237 -17.83 -24.77 3.56
CA ASP B 237 -16.89 -24.56 2.47
C ASP B 237 -15.73 -23.72 2.93
N VAL B 238 -14.62 -23.95 2.26
CA VAL B 238 -13.35 -23.40 2.63
C VAL B 238 -13.39 -21.87 2.53
N ASN B 239 -14.16 -21.33 1.59
CA ASN B 239 -14.15 -19.89 1.40
C ASN B 239 -14.75 -19.12 2.57
N THR B 240 -15.63 -19.76 3.31
CA THR B 240 -16.21 -19.16 4.49
C THR B 240 -15.14 -19.02 5.56
N TYR B 241 -14.43 -20.12 5.80
CA TYR B 241 -13.33 -20.13 6.75
C TYR B 241 -12.24 -19.14 6.37
N ILE B 242 -11.95 -19.02 5.09
CA ILE B 242 -10.95 -18.07 4.61
C ILE B 242 -11.36 -16.64 4.90
N HIS B 243 -12.61 -16.33 4.64
CA HIS B 243 -13.13 -15.02 4.90
C HIS B 243 -13.08 -14.68 6.41
N ASP B 244 -13.41 -15.64 7.25
CA ASP B 244 -13.33 -15.41 8.69
C ASP B 244 -11.88 -15.07 9.09
N LEU B 245 -10.94 -15.88 8.65
CA LEU B 245 -9.56 -15.71 9.05
C LEU B 245 -9.00 -14.39 8.57
N GLU B 246 -9.44 -13.94 7.41
CA GLU B 246 -8.89 -12.72 6.84
C GLU B 246 -9.57 -11.47 7.36
N LYS B 247 -10.83 -11.57 7.76
CA LYS B 247 -11.64 -10.38 7.95
C LYS B 247 -12.06 -10.07 9.38
N GLN B 248 -12.11 -11.09 10.21
CA GLN B 248 -12.71 -10.95 11.50
C GLN B 248 -11.72 -10.31 12.48
N PRO B 249 -12.12 -9.17 13.02
CA PRO B 249 -11.20 -8.40 13.83
C PRO B 249 -11.12 -8.87 15.27
N ILE B 250 -9.90 -9.05 15.74
CA ILE B 250 -9.65 -9.62 17.04
C ILE B 250 -8.60 -8.82 17.76
N LEU B 251 -8.91 -8.42 18.98
CA LEU B 251 -7.87 -7.87 19.83
C LEU B 251 -7.63 -8.82 20.95
N ILE B 252 -6.36 -9.00 21.30
CA ILE B 252 -6.01 -9.79 22.43
C ILE B 252 -5.93 -8.87 23.67
N GLU B 253 -6.56 -9.28 24.75
CA GLU B 253 -6.40 -8.66 26.04
C GLU B 253 -6.32 -9.72 27.10
N TRP B 254 -5.16 -9.81 27.72
CA TRP B 254 -4.97 -10.70 28.83
C TRP B 254 -5.49 -10.01 30.10
N GLU B 255 -6.20 -10.77 30.94
CA GLU B 255 -6.79 -10.20 32.17
C GLU B 255 -5.92 -10.53 33.37
N GLU B 256 -5.37 -9.50 34.01
CA GLU B 256 -4.46 -9.69 35.16
C GLU B 256 -5.03 -10.62 36.24
N ASP B 257 -6.32 -10.50 36.53
CA ASP B 257 -6.96 -11.42 37.50
C ASP B 257 -7.65 -12.61 36.80
N1 WAQ C . -1.32 12.09 -12.68
C2 WAQ C . -2.49 12.40 -13.37
N3 WAQ C . -3.42 13.23 -12.78
C4 WAQ C . -3.18 13.75 -11.56
C5 WAQ C . -2.04 13.46 -10.91
C6 WAQ C . -1.12 12.65 -11.48
N6 WAQ C . -0.01 12.40 -10.81
N7 WAQ C . -2.07 14.11 -9.75
C8 WAQ C . -3.22 14.78 -9.68
N9 WAQ C . -3.91 14.56 -10.79
C1' WAQ C . -5.24 15.07 -11.17
C2' WAQ C . -6.33 14.40 -10.31
O2' WAQ C . -7.58 14.24 -10.99
C3' WAQ C . -6.55 15.43 -9.23
O3' WAQ C . -7.86 15.32 -8.62
C4' WAQ C . -6.41 16.76 -9.99
O4' WAQ C . -5.32 16.51 -10.92
C5' WAQ C . -6.08 17.73 -8.89
O5' WAQ C . -4.77 17.55 -8.64
OAB WAQ C . 0.88 26.76 -10.16
OAC WAQ C . -3.00 21.23 -6.67
OAD WAQ C . -5.32 18.91 -6.49
OAE WAQ C . -0.02 27.38 -8.22
OAH WAQ C . -3.02 17.68 -6.63
CAK WAQ C . -2.52 24.09 -9.81
CAL WAQ C . -1.27 24.96 -10.19
CAM WAQ C . -2.20 22.98 -8.81
CAN WAQ C . -0.39 25.17 -8.97
CAO WAQ C . -3.13 21.79 -9.07
OAU WAQ C . -3.41 19.56 -8.22
CAW WAQ C . 0.19 26.55 -9.13
CAX WAQ C . -3.18 20.85 -7.84
PBG WAQ C . -4.11 18.32 -7.35
O11 PPV D . -4.34 13.32 -6.14
P1 PPV D . -3.96 14.79 -5.99
O21 PPV D . -2.52 15.16 -6.43
O31 PPV D . -5.06 15.72 -6.46
OPP PPV D . -3.94 14.99 -4.37
P2 PPV D . -3.18 16.20 -3.59
O12 PPV D . -1.99 16.48 -4.48
O22 PPV D . -2.83 15.58 -2.24
O32 PPV D . -4.21 17.30 -3.55
MG MG E . -0.79 16.76 -6.22
MG MG F . -5.94 17.45 -4.76
PT PT G . -15.05 11.95 6.30
PT PT H . 0.97 31.96 -26.86
PT PT I . -16.37 11.84 2.64
N1 WAQ J . -1.35 -15.42 8.19
C2 WAQ J . -1.07 -16.70 7.75
N3 WAQ J . 0.26 -17.08 7.66
C4 WAQ J . 1.21 -16.23 8.01
C5 WAQ J . 0.93 -15.01 8.44
C6 WAQ J . -0.34 -14.63 8.52
N6 WAQ J . -0.54 -13.39 8.94
N7 WAQ J . 2.08 -14.37 8.71
C8 WAQ J . 3.06 -15.22 8.45
N9 WAQ J . 2.52 -16.35 8.01
C1' WAQ J . 3.13 -17.62 7.58
C2' WAQ J . 4.08 -17.42 6.44
O2' WAQ J . 4.09 -18.64 5.61
C3' WAQ J . 5.39 -17.36 7.07
O3' WAQ J . 6.31 -17.97 6.17
C4' WAQ J . 5.23 -18.32 8.24
O4' WAQ J . 3.88 -18.11 8.69
C5' WAQ J . 6.15 -17.98 9.37
O5' WAQ J . 6.20 -16.60 9.40
OAB WAQ J . 8.68 -17.86 20.40
OAC WAQ J . 8.04 -15.83 13.57
OAD WAQ J . 8.54 -16.03 10.31
OAE WAQ J . 6.51 -18.25 20.75
OAH WAQ J . 6.49 -14.50 10.80
CAK WAQ J . 6.72 -18.71 16.51
CAL WAQ J . 7.44 -18.81 17.86
CAM WAQ J . 7.39 -17.69 15.59
CAN WAQ J . 7.26 -17.53 18.58
CAO WAQ J . 6.79 -17.87 14.19
OAU WAQ J . 6.69 -16.81 11.97
CAW WAQ J . 7.50 -17.92 20.02
CAX WAQ J . 7.24 -16.71 13.21
PBG WAQ J . 6.97 -15.87 10.64
O11 PPV K . 5.07 -13.23 6.96
P1 PPV K . 5.93 -13.15 8.19
O21 PPV K . 5.25 -12.79 9.48
O31 PPV K . 6.95 -14.28 8.27
OPP PPV K . 6.86 -11.86 7.94
P2 PPV K . 7.90 -11.42 9.08
O12 PPV K . 7.04 -11.37 10.30
O22 PPV K . 8.45 -10.11 8.60
O32 PPV K . 8.91 -12.54 9.15
PT PT L . 16.60 -12.41 -2.88
PT PT M . -2.71 -32.88 25.89
PT PT N . 18.52 -8.66 -2.20
#